data_6R66
#
_entry.id   6R66
#
_cell.length_a   42.300
_cell.length_b   84.900
_cell.length_c   63.900
_cell.angle_alpha   90.00
_cell.angle_beta   90.00
_cell.angle_gamma   90.00
#
_symmetry.space_group_name_H-M   'P 21 21 2'
#
loop_
_entity.id
_entity.type
_entity.pdbx_description
1 polymer Transthyretin
2 non-polymer '1-[4-[3,5-bis(chloranyl)phenyl]-3-fluoranyl-phenyl]cyclopropane-1-carboxylic acid'
3 water water
#
_entity_poly.entity_id   1
_entity_poly.type   'polypeptide(L)'
_entity_poly.pdbx_seq_one_letter_code
;MASHRLLLLCLAGLVFVSEAGPTGTGESKCPLMVKVLDAVRGSPAINVAVHVFRKAADDTWEPFASGKTSESGELHGLTT
EEEFVEGIYKVEIDTKSYWKALGISPFHEHAEVVFTANDSGPRRYTIAALLSPYSYSTTAVVTNPKE
;
_entity_poly.pdbx_strand_id   A,B
#
loop_
_chem_comp.id
_chem_comp.type
_chem_comp.name
_chem_comp.formula
JTN non-polymer '1-[4-[3,5-bis(chloranyl)phenyl]-3-fluoranyl-phenyl]cyclopropane-1-carboxylic acid' 'C16 H11 Cl2 F O2'
#
# COMPACT_ATOMS: atom_id res chain seq x y z
N CYS A 30 -5.93 15.26 -18.37
CA CYS A 30 -5.82 13.99 -17.59
C CYS A 30 -4.84 14.21 -16.44
N PRO A 31 -5.28 14.76 -15.29
CA PRO A 31 -4.38 14.98 -14.19
C PRO A 31 -4.02 13.72 -13.40
N LEU A 32 -4.76 12.65 -13.56
CA LEU A 32 -4.53 11.41 -12.78
C LEU A 32 -4.65 10.21 -13.69
N MET A 33 -3.60 9.45 -13.77
N MET A 33 -3.59 9.43 -13.81
CA MET A 33 -3.56 8.21 -14.57
CA MET A 33 -3.54 8.22 -14.69
C MET A 33 -3.04 7.10 -13.68
C MET A 33 -2.90 7.09 -13.90
N VAL A 34 -3.48 5.87 -13.95
CA VAL A 34 -2.98 4.69 -13.24
C VAL A 34 -2.49 3.72 -14.28
N LYS A 35 -1.31 3.15 -14.06
N LYS A 35 -1.32 3.12 -14.03
CA LYS A 35 -0.73 2.14 -14.99
CA LYS A 35 -0.63 2.18 -14.93
C LYS A 35 -0.18 0.96 -14.21
C LYS A 35 -0.31 0.94 -14.07
N VAL A 36 -0.65 -0.25 -14.57
CA VAL A 36 -0.44 -1.46 -13.74
C VAL A 36 0.19 -2.53 -14.60
N LEU A 37 1.25 -3.12 -14.07
CA LEU A 37 2.02 -4.21 -14.73
C LEU A 37 1.98 -5.46 -13.87
N ASP A 38 2.12 -6.59 -14.55
CA ASP A 38 2.10 -7.95 -13.97
C ASP A 38 3.48 -8.57 -14.06
N ALA A 39 4.08 -8.78 -12.89
CA ALA A 39 5.47 -9.30 -12.77
C ALA A 39 5.53 -10.81 -12.93
N VAL A 40 4.43 -11.53 -12.95
CA VAL A 40 4.40 -12.98 -13.16
C VAL A 40 4.32 -13.30 -14.62
N ARG A 41 3.47 -12.65 -15.39
CA ARG A 41 3.27 -12.93 -16.82
C ARG A 41 4.14 -12.01 -17.64
N GLY A 42 4.68 -10.96 -17.09
CA GLY A 42 5.48 -10.02 -17.89
C GLY A 42 4.61 -9.30 -18.90
N SER A 43 3.57 -8.68 -18.42
CA SER A 43 2.53 -8.07 -19.29
C SER A 43 1.92 -6.91 -18.58
N PRO A 44 1.15 -6.07 -19.29
CA PRO A 44 0.27 -5.17 -18.60
C PRO A 44 -0.71 -5.99 -17.77
N ALA A 45 -1.20 -5.40 -16.69
CA ALA A 45 -2.29 -5.98 -15.89
C ALA A 45 -3.59 -5.47 -16.45
N ILE A 46 -4.27 -6.31 -17.22
CA ILE A 46 -5.44 -5.94 -18.04
C ILE A 46 -6.71 -6.20 -17.26
N ASN A 47 -7.65 -5.27 -17.36
CA ASN A 47 -8.99 -5.44 -16.77
C ASN A 47 -8.92 -5.54 -15.26
N VAL A 48 -8.01 -4.78 -14.64
CA VAL A 48 -7.99 -4.63 -13.18
C VAL A 48 -8.91 -3.49 -12.81
N ALA A 49 -9.75 -3.71 -11.82
CA ALA A 49 -10.63 -2.64 -11.30
C ALA A 49 -9.79 -1.72 -10.42
N VAL A 50 -10.00 -0.43 -10.58
CA VAL A 50 -9.29 0.61 -9.80
C VAL A 50 -10.34 1.56 -9.28
N HIS A 51 -10.34 1.83 -8.00
CA HIS A 51 -11.26 2.79 -7.36
C HIS A 51 -10.44 3.88 -6.73
N VAL A 52 -10.79 5.10 -6.99
CA VAL A 52 -10.17 6.30 -6.37
C VAL A 52 -11.15 6.92 -5.40
N PHE A 53 -10.69 7.29 -4.25
CA PHE A 53 -11.43 7.95 -3.17
C PHE A 53 -10.73 9.23 -2.80
N ARG A 54 -11.53 10.21 -2.38
N ARG A 54 -11.50 10.21 -2.32
CA ARG A 54 -11.02 11.44 -1.75
CA ARG A 54 -10.97 11.51 -1.84
C ARG A 54 -11.38 11.42 -0.27
C ARG A 54 -11.40 11.67 -0.38
N LYS A 55 -10.46 11.89 0.55
CA LYS A 55 -10.74 11.97 2.00
C LYS A 55 -11.61 13.20 2.29
N ALA A 56 -12.77 12.95 2.89
CA ALA A 56 -13.76 13.98 3.22
C ALA A 56 -13.39 14.65 4.55
N ALA A 57 -14.11 15.74 4.87
CA ALA A 57 -13.93 16.53 6.12
C ALA A 57 -13.96 15.63 7.36
N ASP A 58 -14.84 14.62 7.37
CA ASP A 58 -15.10 13.71 8.53
C ASP A 58 -14.15 12.50 8.52
N ASP A 59 -13.06 12.54 7.75
CA ASP A 59 -12.02 11.48 7.66
C ASP A 59 -12.55 10.20 7.01
N THR A 60 -13.70 10.21 6.34
CA THR A 60 -14.18 9.04 5.56
C THR A 60 -13.69 9.17 4.11
N TRP A 61 -13.70 8.08 3.37
CA TRP A 61 -13.23 7.99 1.96
C TRP A 61 -14.44 8.07 1.04
N GLU A 62 -14.58 9.16 0.31
CA GLU A 62 -15.70 9.42 -0.63
C GLU A 62 -15.32 8.88 -2.00
N PRO A 63 -16.12 8.01 -2.65
CA PRO A 63 -15.83 7.64 -4.03
C PRO A 63 -15.60 8.88 -4.85
N PHE A 64 -14.63 8.81 -5.75
CA PHE A 64 -14.16 9.93 -6.58
C PHE A 64 -14.17 9.55 -8.06
N ALA A 65 -13.61 8.38 -8.42
CA ALA A 65 -13.44 7.94 -9.82
C ALA A 65 -13.19 6.45 -9.78
N SER A 66 -13.49 5.79 -10.87
CA SER A 66 -13.13 4.35 -10.97
C SER A 66 -13.10 3.92 -12.41
N GLY A 67 -12.52 2.78 -12.67
CA GLY A 67 -12.50 2.20 -14.00
C GLY A 67 -11.72 0.92 -14.00
N LYS A 68 -11.51 0.36 -15.17
CA LYS A 68 -10.76 -0.90 -15.34
C LYS A 68 -9.62 -0.60 -16.27
N THR A 69 -8.44 -1.14 -15.98
CA THR A 69 -7.30 -0.95 -16.87
C THR A 69 -7.58 -1.56 -18.26
N SER A 70 -7.01 -0.91 -19.24
CA SER A 70 -7.11 -1.26 -20.67
C SER A 70 -6.17 -2.41 -20.97
N GLU A 71 -6.17 -2.78 -22.23
CA GLU A 71 -5.21 -3.77 -22.75
C GLU A 71 -3.76 -3.35 -22.54
N SER A 72 -3.46 -2.08 -22.39
CA SER A 72 -2.10 -1.60 -22.13
C SER A 72 -1.82 -1.45 -20.63
N GLY A 73 -2.74 -1.86 -19.76
CA GLY A 73 -2.56 -1.75 -18.31
C GLY A 73 -2.81 -0.36 -17.81
N GLU A 74 -3.40 0.51 -18.62
CA GLU A 74 -3.54 1.93 -18.25
C GLU A 74 -4.99 2.25 -18.02
N LEU A 75 -5.23 3.23 -17.19
CA LEU A 75 -6.57 3.76 -16.93
C LEU A 75 -6.48 5.28 -17.02
N HIS A 76 -7.07 5.80 -18.08
CA HIS A 76 -7.11 7.23 -18.47
C HIS A 76 -8.53 7.73 -18.16
N GLY A 77 -8.67 9.04 -18.16
CA GLY A 77 -10.01 9.67 -18.10
C GLY A 77 -10.67 9.55 -16.74
N LEU A 78 -9.95 9.27 -15.67
CA LEU A 78 -10.53 9.18 -14.33
C LEU A 78 -11.16 10.49 -13.92
N THR A 79 -10.51 11.60 -14.15
CA THR A 79 -10.97 12.90 -13.60
C THR A 79 -10.56 14.00 -14.55
N THR A 80 -10.96 15.20 -14.18
CA THR A 80 -10.70 16.43 -14.94
C THR A 80 -9.93 17.35 -14.02
N GLU A 81 -9.26 18.29 -14.63
CA GLU A 81 -8.56 19.34 -13.87
C GLU A 81 -9.52 20.00 -12.88
N GLU A 82 -10.75 20.33 -13.29
CA GLU A 82 -11.71 21.05 -12.42
C GLU A 82 -12.06 20.23 -11.19
N GLU A 83 -12.22 18.90 -11.32
CA GLU A 83 -12.64 18.04 -10.18
C GLU A 83 -11.48 17.65 -9.23
N PHE A 84 -10.25 17.62 -9.74
CA PHE A 84 -9.10 17.09 -9.00
C PHE A 84 -8.42 18.18 -8.17
N VAL A 85 -9.00 18.51 -7.07
CA VAL A 85 -8.47 19.55 -6.16
C VAL A 85 -7.45 18.99 -5.19
N GLU A 86 -6.71 19.85 -4.53
CA GLU A 86 -5.75 19.44 -3.50
C GLU A 86 -6.50 18.62 -2.46
N GLY A 87 -5.82 17.64 -1.87
CA GLY A 87 -6.41 16.83 -0.80
C GLY A 87 -5.77 15.46 -0.79
N ILE A 88 -6.29 14.59 0.05
CA ILE A 88 -5.71 13.24 0.20
C ILE A 88 -6.58 12.31 -0.61
N TYR A 89 -5.94 11.49 -1.42
CA TYR A 89 -6.61 10.52 -2.30
C TYR A 89 -6.12 9.14 -1.97
N LYS A 90 -6.98 8.16 -2.21
CA LYS A 90 -6.65 6.74 -2.08
C LYS A 90 -6.95 6.08 -3.41
N VAL A 91 -6.01 5.38 -3.98
CA VAL A 91 -6.21 4.58 -5.19
C VAL A 91 -6.19 3.12 -4.76
N GLU A 92 -7.29 2.44 -4.87
CA GLU A 92 -7.40 1.02 -4.50
C GLU A 92 -7.40 0.22 -5.79
N ILE A 93 -6.46 -0.71 -5.88
CA ILE A 93 -6.31 -1.58 -7.06
C ILE A 93 -6.81 -2.96 -6.65
N ASP A 94 -7.75 -3.51 -7.38
N ASP A 94 -7.88 -3.49 -7.25
CA ASP A 94 -8.45 -4.75 -6.94
CA ASP A 94 -8.44 -4.81 -6.81
C ASP A 94 -7.62 -5.98 -7.35
C ASP A 94 -7.58 -5.94 -7.39
N THR A 95 -6.45 -6.11 -6.76
CA THR A 95 -5.49 -7.17 -7.15
C THR A 95 -6.01 -8.57 -6.86
N LYS A 96 -6.80 -8.75 -5.81
CA LYS A 96 -7.20 -10.12 -5.46
C LYS A 96 -8.04 -10.72 -6.60
N SER A 97 -9.02 -9.95 -7.10
CA SER A 97 -9.87 -10.38 -8.25
C SER A 97 -9.01 -10.62 -9.48
N TYR A 98 -8.03 -9.77 -9.70
CA TYR A 98 -7.14 -9.90 -10.86
C TYR A 98 -6.47 -11.26 -10.83
N TRP A 99 -5.84 -11.60 -9.73
CA TRP A 99 -5.06 -12.86 -9.60
C TRP A 99 -6.02 -14.03 -9.66
N LYS A 100 -7.16 -13.93 -9.01
CA LYS A 100 -8.08 -15.12 -9.03
C LYS A 100 -8.59 -15.35 -10.45
N ALA A 101 -8.81 -14.32 -11.27
CA ALA A 101 -9.30 -14.52 -12.64
C ALA A 101 -8.22 -15.20 -13.48
N LEU A 102 -6.94 -15.09 -13.11
CA LEU A 102 -5.83 -15.80 -13.78
C LEU A 102 -5.54 -17.17 -13.17
N GLY A 103 -6.25 -17.56 -12.13
CA GLY A 103 -6.09 -18.86 -11.46
C GLY A 103 -4.92 -18.87 -10.50
N ILE A 104 -4.55 -17.69 -9.96
CA ILE A 104 -3.35 -17.53 -9.10
C ILE A 104 -3.82 -17.14 -7.73
N SER A 105 -3.24 -17.78 -6.72
CA SER A 105 -3.54 -17.53 -5.30
C SER A 105 -2.81 -16.28 -4.82
N PRO A 106 -3.55 -15.24 -4.43
CA PRO A 106 -2.88 -14.01 -4.00
C PRO A 106 -2.88 -13.78 -2.48
N PHE A 107 -2.06 -12.90 -2.02
CA PHE A 107 -1.90 -12.58 -0.59
C PHE A 107 -2.82 -11.42 -0.21
N HIS A 108 -2.79 -10.35 -0.96
CA HIS A 108 -3.42 -9.08 -0.53
C HIS A 108 -4.89 -9.06 -0.87
N GLU A 109 -5.65 -8.34 -0.07
CA GLU A 109 -7.06 -8.07 -0.43
C GLU A 109 -7.10 -7.11 -1.62
N HIS A 110 -6.25 -6.12 -1.62
CA HIS A 110 -6.16 -5.10 -2.69
C HIS A 110 -4.90 -4.37 -2.43
N ALA A 111 -4.42 -3.57 -3.37
CA ALA A 111 -3.27 -2.68 -3.17
C ALA A 111 -3.87 -1.32 -2.96
N GLU A 112 -3.28 -0.56 -2.10
CA GLU A 112 -3.79 0.79 -1.76
C GLU A 112 -2.67 1.79 -1.91
N VAL A 113 -2.92 2.88 -2.61
CA VAL A 113 -1.90 3.94 -2.72
C VAL A 113 -2.53 5.20 -2.19
N VAL A 114 -1.98 5.79 -1.15
CA VAL A 114 -2.62 6.96 -0.48
C VAL A 114 -1.63 8.11 -0.55
N PHE A 115 -2.08 9.28 -1.06
CA PHE A 115 -1.14 10.40 -1.29
C PHE A 115 -1.90 11.69 -1.22
N THR A 116 -1.16 12.77 -0.97
CA THR A 116 -1.71 14.14 -1.08
C THR A 116 -1.42 14.70 -2.46
N ALA A 117 -2.45 15.24 -3.10
CA ALA A 117 -2.30 16.07 -4.30
C ALA A 117 -1.98 17.51 -3.86
N ASN A 118 -0.88 18.09 -4.36
CA ASN A 118 -0.38 19.42 -3.92
C ASN A 118 -0.21 20.23 -5.19
N ASP A 119 -0.82 21.40 -5.32
CA ASP A 119 -0.76 22.24 -6.54
C ASP A 119 0.64 22.84 -6.66
N SER A 120 1.42 22.89 -5.57
CA SER A 120 2.89 23.14 -5.59
C SER A 120 3.55 22.01 -6.38
N GLY A 121 4.47 22.33 -7.28
CA GLY A 121 5.09 21.28 -8.12
C GLY A 121 4.09 20.70 -9.12
N PRO A 122 4.46 19.62 -9.84
CA PRO A 122 3.83 19.37 -11.14
C PRO A 122 2.35 18.91 -11.11
N ARG A 123 1.72 19.04 -12.27
CA ARG A 123 0.26 19.04 -12.47
C ARG A 123 -0.25 17.64 -12.77
N ARG A 124 0.58 16.75 -13.38
CA ARG A 124 0.04 15.47 -13.90
C ARG A 124 0.58 14.34 -13.01
N TYR A 125 -0.30 13.55 -12.42
CA TYR A 125 0.04 12.41 -11.54
C TYR A 125 -0.16 11.12 -12.30
N THR A 126 0.84 10.28 -12.36
CA THR A 126 0.74 8.87 -12.76
C THR A 126 1.05 8.03 -11.53
N ILE A 127 0.14 7.16 -11.16
CA ILE A 127 0.37 6.12 -10.14
C ILE A 127 0.67 4.85 -10.91
N ALA A 128 1.89 4.33 -10.76
CA ALA A 128 2.30 3.09 -11.43
C ALA A 128 2.42 2.01 -10.39
N ALA A 129 2.06 0.79 -10.73
CA ALA A 129 2.10 -0.34 -9.80
C ALA A 129 2.58 -1.57 -10.54
N LEU A 130 3.35 -2.39 -9.88
CA LEU A 130 3.90 -3.66 -10.41
C LEU A 130 3.45 -4.75 -9.47
N LEU A 131 2.68 -5.70 -9.98
CA LEU A 131 2.00 -6.69 -9.14
C LEU A 131 2.64 -8.09 -9.19
N SER A 132 2.76 -8.65 -8.00
CA SER A 132 3.08 -10.08 -7.83
C SER A 132 2.09 -10.65 -6.84
N PRO A 133 1.99 -11.99 -6.75
CA PRO A 133 0.99 -12.55 -5.88
C PRO A 133 1.19 -12.19 -4.43
N TYR A 134 2.41 -12.06 -3.90
CA TYR A 134 2.73 -11.77 -2.50
C TYR A 134 3.46 -10.48 -2.33
N SER A 135 3.41 -9.60 -3.35
N SER A 135 3.56 -9.66 -3.40
CA SER A 135 4.20 -8.36 -3.31
CA SER A 135 4.26 -8.35 -3.34
C SER A 135 3.65 -7.35 -4.30
C SER A 135 3.59 -7.35 -4.27
N TYR A 136 3.82 -6.07 -4.01
CA TYR A 136 3.66 -5.07 -5.06
C TYR A 136 4.59 -3.91 -4.76
N SER A 137 4.86 -3.25 -5.84
CA SER A 137 5.70 -2.04 -5.87
C SER A 137 4.84 -0.95 -6.46
N THR A 138 5.01 0.29 -6.01
CA THR A 138 4.29 1.41 -6.60
C THR A 138 5.18 2.61 -6.61
N THR A 139 5.06 3.45 -7.61
CA THR A 139 5.79 4.73 -7.67
C THR A 139 4.85 5.78 -8.21
N ALA A 140 5.27 6.99 -8.08
CA ALA A 140 4.53 8.16 -8.59
C ALA A 140 5.39 8.86 -9.62
N VAL A 141 4.78 9.22 -10.73
CA VAL A 141 5.49 9.99 -11.78
C VAL A 141 4.69 11.29 -11.87
N VAL A 142 5.26 12.38 -11.40
CA VAL A 142 4.54 13.66 -11.28
C VAL A 142 5.28 14.64 -12.19
N THR A 143 4.60 15.15 -13.22
CA THR A 143 5.25 15.88 -14.35
C THR A 143 4.36 17.06 -14.78
N ASN A 144 4.97 18.06 -15.47
CA ASN A 144 4.30 19.28 -16.04
C ASN A 144 3.34 19.94 -15.03
N CYS B 30 6.24 -15.01 17.76
CA CYS B 30 6.07 -13.65 17.13
C CYS B 30 5.41 -13.85 15.78
N PRO B 31 4.06 -13.82 15.73
CA PRO B 31 3.41 -14.21 14.49
C PRO B 31 3.30 -13.08 13.46
N LEU B 32 3.54 -11.84 13.85
CA LEU B 32 3.46 -10.69 12.90
C LEU B 32 4.65 -9.79 13.14
N MET B 33 5.61 -9.76 12.19
N MET B 33 5.43 -9.60 12.11
CA MET B 33 6.87 -8.95 12.20
CA MET B 33 6.63 -8.76 12.21
C MET B 33 6.88 -8.00 10.99
C MET B 33 6.68 -7.87 11.00
N VAL B 34 7.38 -6.77 11.17
CA VAL B 34 7.50 -5.79 10.07
C VAL B 34 8.97 -5.40 9.99
N LYS B 35 9.49 -5.43 8.77
N LYS B 35 9.52 -5.38 8.77
CA LYS B 35 10.90 -5.06 8.46
CA LYS B 35 10.96 -5.11 8.49
C LYS B 35 10.88 -3.99 7.39
C LYS B 35 11.05 -4.12 7.34
N VAL B 36 11.66 -2.95 7.61
CA VAL B 36 11.63 -1.82 6.65
C VAL B 36 13.06 -1.38 6.35
N LEU B 37 13.33 -1.20 5.07
CA LEU B 37 14.63 -0.73 4.54
C LEU B 37 14.45 0.61 3.85
N ASP B 38 15.53 1.40 3.82
CA ASP B 38 15.57 2.72 3.19
C ASP B 38 16.47 2.62 1.95
N ALA B 39 15.86 2.82 0.78
CA ALA B 39 16.51 2.67 -0.53
C ALA B 39 17.32 3.89 -0.91
N VAL B 40 17.28 4.95 -0.16
CA VAL B 40 18.09 6.18 -0.45
C VAL B 40 19.40 6.06 0.30
N ARG B 41 19.37 5.66 1.54
CA ARG B 41 20.56 5.60 2.43
C ARG B 41 21.19 4.23 2.32
N GLY B 42 20.48 3.20 1.91
CA GLY B 42 21.03 1.85 1.97
C GLY B 42 21.20 1.41 3.39
N SER B 43 20.12 1.39 4.13
N SER B 43 20.15 1.64 4.19
CA SER B 43 20.17 1.21 5.61
CA SER B 43 20.14 1.33 5.63
C SER B 43 18.82 0.74 6.07
C SER B 43 18.83 0.63 6.01
N PRO B 44 18.74 0.10 7.26
CA PRO B 44 17.45 -0.12 7.87
C PRO B 44 16.75 1.23 7.98
N ALA B 45 15.43 1.19 7.90
CA ALA B 45 14.57 2.36 8.13
C ALA B 45 14.23 2.31 9.62
N ILE B 46 14.79 3.20 10.39
N ILE B 46 14.87 3.11 10.43
CA ILE B 46 14.73 3.23 11.88
CA ILE B 46 14.74 3.00 11.90
C ILE B 46 13.60 4.16 12.32
C ILE B 46 13.64 3.96 12.34
N ASN B 47 12.90 3.80 13.40
N ASN B 47 12.94 3.58 13.39
CA ASN B 47 11.87 4.66 14.00
CA ASN B 47 11.94 4.46 14.05
C ASN B 47 10.73 4.86 13.00
C ASN B 47 10.77 4.78 13.10
N VAL B 48 10.40 3.84 12.26
CA VAL B 48 9.22 3.92 11.38
C VAL B 48 8.02 3.48 12.25
N ALA B 49 7.00 4.30 12.37
CA ALA B 49 5.77 3.92 13.09
C ALA B 49 4.94 3.02 12.23
N VAL B 50 4.35 2.02 12.84
CA VAL B 50 3.48 1.04 12.17
C VAL B 50 2.21 0.88 12.98
N HIS B 51 1.08 0.96 12.37
CA HIS B 51 -0.25 0.75 13.01
C HIS B 51 -0.92 -0.41 12.32
N VAL B 52 -1.38 -1.37 13.08
CA VAL B 52 -2.09 -2.54 12.53
C VAL B 52 -3.53 -2.42 12.93
N PHE B 53 -4.43 -2.67 12.00
CA PHE B 53 -5.88 -2.64 12.22
C PHE B 53 -6.43 -4.00 11.81
N ARG B 54 -7.60 -4.34 12.33
CA ARG B 54 -8.30 -5.58 11.99
C ARG B 54 -9.73 -5.22 11.68
N LYS B 55 -10.30 -5.76 10.63
CA LYS B 55 -11.69 -5.46 10.25
C LYS B 55 -12.64 -6.10 11.27
N ALA B 56 -13.48 -5.27 11.88
CA ALA B 56 -14.42 -5.69 12.94
C ALA B 56 -15.69 -6.21 12.28
N ALA B 57 -16.57 -6.78 13.12
CA ALA B 57 -17.87 -7.36 12.68
C ALA B 57 -18.69 -6.32 11.91
N ASP B 58 -18.57 -5.05 12.23
CA ASP B 58 -19.35 -3.96 11.58
C ASP B 58 -18.65 -3.42 10.33
N ASP B 59 -17.54 -4.05 9.92
CA ASP B 59 -16.78 -3.75 8.67
C ASP B 59 -15.95 -2.48 8.84
N THR B 60 -15.75 -1.98 10.06
CA THR B 60 -14.82 -0.84 10.31
C THR B 60 -13.43 -1.41 10.62
N TRP B 61 -12.42 -0.58 10.50
CA TRP B 61 -11.03 -0.91 10.87
C TRP B 61 -10.80 -0.66 12.35
N GLU B 62 -10.64 -1.68 13.14
CA GLU B 62 -10.44 -1.57 14.59
C GLU B 62 -8.95 -1.51 14.81
N PRO B 63 -8.42 -0.60 15.64
CA PRO B 63 -7.01 -0.66 16.03
C PRO B 63 -6.64 -1.95 16.71
N PHE B 64 -5.58 -2.60 16.27
CA PHE B 64 -5.18 -3.94 16.72
C PHE B 64 -3.87 -3.91 17.47
N ALA B 65 -2.87 -3.25 16.88
CA ALA B 65 -1.57 -3.13 17.50
C ALA B 65 -0.73 -2.05 16.86
N SER B 66 0.32 -1.57 17.49
CA SER B 66 1.20 -0.58 16.88
C SER B 66 2.57 -0.66 17.51
N GLY B 67 3.56 -0.11 16.82
CA GLY B 67 4.91 -0.08 17.32
C GLY B 67 5.78 0.72 16.38
N LYS B 68 7.07 0.69 16.63
CA LYS B 68 8.03 1.35 15.72
C LYS B 68 9.20 0.46 15.47
N THR B 69 9.80 0.62 14.29
CA THR B 69 10.99 -0.18 13.94
C THR B 69 12.19 0.25 14.79
N SER B 70 12.98 -0.75 15.08
CA SER B 70 14.21 -0.59 15.88
C SER B 70 15.37 -0.07 15.03
N GLU B 71 16.57 -0.06 15.61
CA GLU B 71 17.83 0.27 14.90
C GLU B 71 18.11 -0.69 13.76
N SER B 72 17.56 -1.88 13.79
CA SER B 72 17.76 -2.91 12.74
C SER B 72 16.70 -2.80 11.62
N GLY B 73 15.76 -1.87 11.80
CA GLY B 73 14.60 -1.75 10.88
C GLY B 73 13.53 -2.76 11.11
N GLU B 74 13.56 -3.47 12.24
CA GLU B 74 12.60 -4.53 12.55
C GLU B 74 11.68 -4.12 13.68
N LEU B 75 10.43 -4.58 13.57
CA LEU B 75 9.42 -4.40 14.62
C LEU B 75 8.90 -5.75 15.02
N HIS B 76 9.26 -6.14 16.24
CA HIS B 76 8.88 -7.40 16.93
C HIS B 76 7.88 -7.02 18.03
N GLY B 77 7.13 -8.03 18.46
CA GLY B 77 6.27 -7.93 19.66
C GLY B 77 4.99 -7.19 19.40
N LEU B 78 4.52 -7.05 18.16
CA LEU B 78 3.22 -6.42 17.90
C LEU B 78 2.11 -7.21 18.57
N THR B 79 2.15 -8.53 18.50
CA THR B 79 0.97 -9.31 18.93
C THR B 79 1.41 -10.65 19.44
N THR B 80 0.45 -11.45 19.81
CA THR B 80 0.64 -12.80 20.37
C THR B 80 -0.10 -13.78 19.47
N GLU B 81 0.28 -15.03 19.53
CA GLU B 81 -0.46 -16.11 18.85
C GLU B 81 -1.92 -16.11 19.29
N GLU B 82 -2.21 -15.90 20.59
CA GLU B 82 -3.61 -15.96 21.05
C GLU B 82 -4.41 -14.82 20.47
N GLU B 83 -3.84 -13.61 20.43
CA GLU B 83 -4.61 -12.44 20.01
C GLU B 83 -4.75 -12.32 18.48
N PHE B 84 -3.78 -12.91 17.79
CA PHE B 84 -3.69 -12.79 16.32
C PHE B 84 -4.58 -13.85 15.69
N VAL B 85 -5.85 -13.62 15.77
CA VAL B 85 -6.84 -14.59 15.31
C VAL B 85 -7.04 -14.39 13.80
N GLU B 86 -7.83 -15.23 13.18
N GLU B 86 -7.87 -15.20 13.20
CA GLU B 86 -8.28 -15.01 11.79
CA GLU B 86 -8.21 -15.06 11.77
C GLU B 86 -8.78 -13.59 11.66
C GLU B 86 -8.93 -13.73 11.56
N GLY B 87 -8.64 -13.04 10.47
CA GLY B 87 -9.31 -11.80 10.14
C GLY B 87 -8.65 -11.13 8.95
N ILE B 88 -9.16 -10.00 8.60
CA ILE B 88 -8.52 -9.13 7.58
C ILE B 88 -7.80 -8.04 8.33
N TYR B 89 -6.52 -7.96 8.08
CA TYR B 89 -5.60 -7.04 8.74
C TYR B 89 -5.09 -6.00 7.77
N LYS B 90 -4.89 -4.80 8.28
CA LYS B 90 -4.25 -3.68 7.57
C LYS B 90 -3.02 -3.27 8.33
N VAL B 91 -1.86 -3.42 7.74
CA VAL B 91 -0.60 -2.92 8.31
C VAL B 91 -0.29 -1.59 7.65
N GLU B 92 -0.36 -0.49 8.39
CA GLU B 92 -0.11 0.86 7.86
C GLU B 92 1.28 1.23 8.30
N ILE B 93 2.16 1.47 7.36
CA ILE B 93 3.55 1.85 7.62
C ILE B 93 3.64 3.35 7.41
N ASP B 94 3.96 4.09 8.42
CA ASP B 94 3.89 5.57 8.39
C ASP B 94 5.12 6.22 7.71
N THR B 95 5.11 6.05 6.39
CA THR B 95 6.24 6.47 5.54
C THR B 95 6.34 7.99 5.50
N LYS B 96 5.23 8.70 5.49
CA LYS B 96 5.33 10.19 5.43
C LYS B 96 6.03 10.67 6.68
N SER B 97 5.57 10.23 7.83
CA SER B 97 6.19 10.65 9.10
C SER B 97 7.69 10.33 9.14
N TYR B 98 8.10 9.16 8.62
CA TYR B 98 9.50 8.73 8.52
C TYR B 98 10.32 9.72 7.69
N TRP B 99 9.83 10.03 6.47
CA TRP B 99 10.55 10.93 5.56
C TRP B 99 10.59 12.36 6.12
N LYS B 100 9.48 12.81 6.65
CA LYS B 100 9.42 14.21 7.19
C LYS B 100 10.43 14.29 8.34
N ALA B 101 10.59 13.28 9.19
CA ALA B 101 11.53 13.34 10.34
C ALA B 101 12.97 13.40 9.81
N LEU B 102 13.23 13.01 8.55
CA LEU B 102 14.56 13.11 7.92
C LEU B 102 14.66 14.38 7.07
N GLY B 103 13.62 15.18 7.11
CA GLY B 103 13.67 16.50 6.45
C GLY B 103 13.30 16.42 4.98
N ILE B 104 12.61 15.35 4.56
CA ILE B 104 12.27 15.07 3.13
C ILE B 104 10.74 15.16 3.00
N SER B 105 10.28 15.79 1.92
N SER B 105 10.26 15.72 1.91
CA SER B 105 8.86 15.86 1.48
CA SER B 105 8.82 15.82 1.61
C SER B 105 8.57 14.63 0.62
C SER B 105 8.44 14.71 0.63
N PRO B 106 7.87 13.59 1.13
CA PRO B 106 7.62 12.44 0.27
C PRO B 106 6.27 12.51 -0.41
N PHE B 107 5.98 11.53 -1.23
CA PHE B 107 4.72 11.52 -2.00
C PHE B 107 3.58 10.90 -1.20
N HIS B 108 3.79 9.70 -0.66
CA HIS B 108 2.70 8.91 -0.07
C HIS B 108 2.42 9.36 1.35
N GLU B 109 1.20 9.14 1.80
CA GLU B 109 0.82 9.32 3.22
C GLU B 109 1.39 8.16 4.03
N HIS B 110 1.21 6.95 3.58
CA HIS B 110 1.64 5.73 4.28
C HIS B 110 1.66 4.63 3.25
N ALA B 111 2.21 3.51 3.59
CA ALA B 111 2.08 2.27 2.79
C ALA B 111 1.13 1.40 3.53
N GLU B 112 0.17 0.81 2.83
CA GLU B 112 -0.86 -0.06 3.40
C GLU B 112 -0.63 -1.46 2.87
N VAL B 113 -0.77 -2.42 3.75
CA VAL B 113 -0.67 -3.83 3.36
C VAL B 113 -1.92 -4.46 3.94
N VAL B 114 -2.85 -4.90 3.14
CA VAL B 114 -4.16 -5.43 3.59
C VAL B 114 -4.24 -6.87 3.18
N PHE B 115 -4.50 -7.78 4.10
CA PHE B 115 -4.51 -9.22 3.81
C PHE B 115 -5.34 -9.98 4.82
N THR B 116 -5.84 -11.10 4.38
CA THR B 116 -6.48 -12.07 5.27
C THR B 116 -5.41 -12.92 5.92
N ALA B 117 -5.48 -13.07 7.22
CA ALA B 117 -4.48 -13.84 7.99
C ALA B 117 -5.12 -15.05 8.64
N ASN B 118 -4.36 -16.12 8.74
CA ASN B 118 -4.67 -17.33 9.53
C ASN B 118 -5.89 -18.04 8.99
N ASP B 119 -6.29 -17.93 7.76
CA ASP B 119 -7.53 -18.60 7.31
C ASP B 119 -7.35 -20.11 7.10
N SER B 120 -6.12 -20.61 7.02
CA SER B 120 -5.82 -22.07 6.98
C SER B 120 -5.11 -22.48 8.25
N GLY B 121 -5.29 -21.73 9.32
CA GLY B 121 -4.63 -22.00 10.58
C GLY B 121 -3.55 -20.96 10.83
N PRO B 122 -2.94 -20.96 12.02
CA PRO B 122 -1.95 -19.96 12.40
C PRO B 122 -0.74 -20.01 11.48
N ARG B 123 -0.32 -18.81 11.05
CA ARG B 123 0.92 -18.63 10.29
C ARG B 123 1.70 -17.49 10.90
N ARG B 124 2.98 -17.44 10.54
CA ARG B 124 3.87 -16.32 10.94
C ARG B 124 4.06 -15.45 9.69
N TYR B 125 3.76 -14.18 9.85
CA TYR B 125 3.81 -13.21 8.73
C TYR B 125 4.92 -12.22 8.98
N THR B 126 5.82 -12.04 8.01
CA THR B 126 6.75 -10.90 7.98
C THR B 126 6.32 -10.01 6.84
N ILE B 127 6.00 -8.77 7.14
CA ILE B 127 5.70 -7.73 6.12
C ILE B 127 6.96 -6.92 5.95
N ALA B 128 7.57 -7.00 4.77
CA ALA B 128 8.81 -6.30 4.49
C ALA B 128 8.49 -5.15 3.55
N ALA B 129 9.19 -4.06 3.73
CA ALA B 129 8.96 -2.87 2.89
C ALA B 129 10.30 -2.21 2.60
N LEU B 130 10.38 -1.64 1.41
CA LEU B 130 11.57 -0.90 0.90
C LEU B 130 11.11 0.50 0.49
N LEU B 131 11.63 1.51 1.08
CA LEU B 131 11.09 2.88 0.93
C LEU B 131 11.99 3.80 0.13
N SER B 132 11.39 4.56 -0.75
CA SER B 132 11.99 5.75 -1.39
C SER B 132 11.03 6.90 -1.26
N PRO B 133 11.44 8.16 -1.51
CA PRO B 133 10.52 9.24 -1.29
C PRO B 133 9.25 9.20 -2.13
N TYR B 134 9.33 8.71 -3.35
CA TYR B 134 8.17 8.66 -4.26
C TYR B 134 7.73 7.26 -4.58
N SER B 135 8.15 6.25 -3.83
N SER B 135 8.23 6.25 -3.87
CA SER B 135 7.93 4.85 -4.22
CA SER B 135 7.95 4.84 -4.18
C SER B 135 8.12 3.94 -3.04
C SER B 135 8.04 3.96 -2.93
N TYR B 136 7.41 2.83 -3.01
CA TYR B 136 7.74 1.76 -2.05
C TYR B 136 7.40 0.44 -2.67
N SER B 137 8.09 -0.60 -2.21
N SER B 137 8.03 -0.57 -2.12
CA SER B 137 7.70 -2.00 -2.49
CA SER B 137 7.77 -1.97 -2.41
C SER B 137 7.47 -2.71 -1.19
C SER B 137 7.40 -2.63 -1.09
N THR B 138 6.60 -3.70 -1.24
N THR B 138 6.49 -3.59 -1.14
CA THR B 138 6.23 -4.46 -0.05
CA THR B 138 6.26 -4.47 0.03
C THR B 138 5.99 -5.91 -0.41
C THR B 138 6.19 -5.90 -0.45
N THR B 139 6.50 -6.81 0.43
CA THR B 139 6.34 -8.24 0.21
C THR B 139 5.96 -8.89 1.51
N ALA B 140 5.38 -10.06 1.39
CA ALA B 140 5.03 -10.85 2.57
C ALA B 140 5.80 -12.15 2.56
N VAL B 141 6.30 -12.54 3.71
CA VAL B 141 6.91 -13.86 3.92
C VAL B 141 6.02 -14.57 4.95
N VAL B 142 5.39 -15.65 4.50
CA VAL B 142 4.41 -16.40 5.33
C VAL B 142 4.99 -17.76 5.57
N THR B 143 5.11 -18.14 6.83
CA THR B 143 5.71 -19.43 7.20
C THR B 143 4.78 -20.14 8.18
N ASN B 144 4.91 -21.46 8.18
CA ASN B 144 4.08 -22.36 9.02
C ASN B 144 5.05 -22.92 10.07
N PRO B 145 4.95 -22.51 11.37
CA PRO B 145 5.95 -22.93 12.36
C PRO B 145 5.99 -24.43 12.64
CAP JTN C . 4.85 4.12 -17.83
CAT JTN C . 4.16 2.96 -18.20
CAQ JTN C . 5.61 2.87 -18.02
CAR JTN C . 6.45 2.69 -19.30
OAS JTN C . 5.84 2.86 -20.38
OAU JTN C . 7.67 2.41 -19.16
CAN JTN C . 6.07 2.25 -16.80
CAO JTN C . 5.12 1.64 -15.96
CAK JTN C . 5.50 1.03 -14.74
FAL JTN C . 4.61 0.45 -13.97
CAM JTN C . 7.40 2.25 -16.41
CAI JTN C . 7.77 1.64 -15.20
CAJ JTN C . 6.81 1.03 -14.38
CAG JTN C . 7.30 0.46 -13.19
CAH JTN C . 8.41 -0.30 -13.25
CAD JTN C . 8.93 -0.85 -12.17
CL1 JTN C . 10.26 -1.72 -12.43
CAC JTN C . 8.38 -0.72 -10.90
CAB JTN C . 7.27 0.06 -10.79
CL2 JTN C . 6.53 0.31 -9.12
CAF JTN C . 6.72 0.65 -11.92
CAP JTN D . 13.86 -10.40 6.05
CAT JTN D . 14.22 -9.09 6.31
CAQ JTN D . 14.92 -9.79 5.18
CAR JTN D . 16.43 -9.95 5.48
OAS JTN D . 17.24 -9.49 4.63
OAU JTN D . 16.73 -10.52 6.56
CAN JTN D . 14.56 -9.20 3.95
CAO JTN D . 14.04 -7.92 4.03
CAK JTN D . 13.66 -7.25 2.89
FAL JTN D . 13.12 -5.91 3.03
CAM JTN D . 14.69 -9.82 2.70
CAI JTN D . 14.30 -9.13 1.52
CAJ JTN D . 13.78 -7.85 1.63
CAG JTN D . 13.36 -7.08 0.58
CAH JTN D . 14.14 -6.78 -0.53
CAD JTN D . 13.61 -5.95 -1.53
CL1 JTN D . 14.62 -5.54 -2.98
CAC JTN D . 12.35 -5.43 -1.43
CAB JTN D . 11.60 -5.73 -0.31
CL2 JTN D . 10.06 -5.14 -0.13
CAF JTN D . 12.09 -6.55 0.67
#